data_7ROU
#
_entry.id   7ROU
#
_cell.length_a   75.622
_cell.length_b   162.189
_cell.length_c   35.231
_cell.angle_alpha   90.000
_cell.angle_beta   90.000
_cell.angle_gamma   90.000
#
_symmetry.space_group_name_H-M   'P 21 21 2'
#
loop_
_entity.id
_entity.type
_entity.pdbx_description
1 polymer 'Tyrosine--tRNA ligase, cytoplasmic'
2 non-polymer '{(2R,3S,4R,5R)-5-[4-amino-3-(difluoromethoxy)-1H-pyrazolo[3,4-d]pyrimidin-1-yl]-3,4-dihydroxyoxolan-2-yl}methyl [(2S)-2-amino-3-(4-hydroxyphenyl)propanoyl]sulfamate (non-preferred name)'
3 non-polymer 'SULFATE ION'
4 water water
#
_entity_poly.entity_id   1
_entity_poly.type   'polypeptide(L)'
_entity_poly.pdbx_seq_one_letter_code
;GMGDAPSPEEKLHLITRNLQEVLGEEKLKEILKERELKIYWGTATTGKPHVAYFVPMSKIADFLKAGCEVTILFADLHAY
LDNMKAPWELLELRVSYYENVIKAMLESIGVPLEKLKFIKGTDYQLSKEYTLDVYRLSSVVTQHDSKKAGAEVVKQVEHP
LLSGLLYPGLQALDEEYLKVDAQFGGIDQRKIFTFAEKYLPALGYSKRVHLMNPMVPGLTGSKMSSSEEESKIDLLDRKE
DVKKKLKKAFCEPGNVENNGVLSFIKHVLFPLKSEFVILRDEKWGGNKTYTAYVDLEKDFAAEVVHPGDLKNSVEVALNK
LLDPIREKFNTPALKKLASAAYPDPSKQKPMAKGPAKNSEPEEVI
;
_entity_poly.pdbx_strand_id   A
#
loop_
_chem_comp.id
_chem_comp.type
_chem_comp.name
_chem_comp.formula
66I non-polymer '{(2R,3S,4R,5R)-5-[4-amino-3-(difluoromethoxy)-1H-pyrazolo[3,4-d]pyrimidin-1-yl]-3,4-dihydroxyoxolan-2-yl}methyl [(2S)-2-amino-3-(4-hydroxyphenyl)propanoyl]sulfamate (non-preferred name)' 'C20 H23 F2 N7 O9 S'
SO4 non-polymer 'SULFATE ION' 'O4 S -2'
#
# COMPACT_ATOMS: atom_id res chain seq x y z
N ALA A 5 2.10 -25.07 7.97
CA ALA A 5 0.64 -25.22 8.00
C ALA A 5 0.04 -24.40 9.14
N PRO A 6 -0.08 -23.09 8.94
CA PRO A 6 -0.65 -22.25 10.02
C PRO A 6 -2.12 -22.57 10.24
N SER A 7 -2.53 -22.48 11.52
CA SER A 7 -3.92 -22.70 11.91
C SER A 7 -4.77 -21.51 11.45
N PRO A 8 -6.10 -21.64 11.48
CA PRO A 8 -6.91 -20.46 11.17
C PRO A 8 -6.60 -19.28 12.08
N GLU A 9 -6.28 -19.54 13.35
CA GLU A 9 -5.95 -18.47 14.27
C GLU A 9 -4.63 -17.81 13.91
N GLU A 10 -3.63 -18.61 13.52
CA GLU A 10 -2.35 -18.02 13.08
C GLU A 10 -2.50 -17.24 11.78
N LYS A 11 -3.33 -17.73 10.85
CA LYS A 11 -3.59 -16.97 9.63
C LYS A 11 -4.25 -15.65 9.95
N LEU A 12 -5.23 -15.67 10.86
CA LEU A 12 -5.91 -14.43 11.20
C LEU A 12 -4.93 -13.43 11.79
N HIS A 13 -4.00 -13.89 12.64
CA HIS A 13 -3.01 -13.00 13.22
C HIS A 13 -2.12 -12.40 12.14
N LEU A 14 -1.60 -13.22 11.23
CA LEU A 14 -0.78 -12.70 10.14
C LEU A 14 -1.54 -11.70 9.28
N ILE A 15 -2.80 -12.01 8.97
CA ILE A 15 -3.58 -11.19 8.07
C ILE A 15 -3.88 -9.84 8.70
N THR A 16 -4.21 -9.81 10.00
CA THR A 16 -4.74 -8.59 10.61
C THR A 16 -3.72 -7.82 11.45
N ARG A 17 -2.49 -8.32 11.63
CA ARG A 17 -1.54 -7.57 12.45
C ARG A 17 -1.15 -6.25 11.78
N ASN A 18 -0.92 -5.23 12.59
CA ASN A 18 -0.57 -3.88 12.18
C ASN A 18 -1.71 -3.12 11.48
N LEU A 19 -2.87 -3.74 11.23
CA LEU A 19 -3.98 -3.01 10.65
C LEU A 19 -4.60 -2.05 11.65
N GLN A 20 -5.14 -0.95 11.13
CA GLN A 20 -5.91 -0.02 11.96
C GLN A 20 -7.32 -0.52 12.21
N GLU A 21 -7.94 -1.15 11.21
CA GLU A 21 -9.34 -1.58 11.35
C GLU A 21 -9.64 -2.75 10.43
N VAL A 22 -10.46 -3.67 10.94
CA VAL A 22 -11.02 -4.81 10.20
C VAL A 22 -12.54 -4.65 10.18
N LEU A 23 -13.13 -4.62 8.98
CA LEU A 23 -14.58 -4.73 8.81
C LEU A 23 -14.90 -6.13 8.31
N GLY A 24 -15.84 -6.80 8.97
CA GLY A 24 -16.25 -8.14 8.55
C GLY A 24 -15.53 -9.29 9.24
N GLU A 25 -15.16 -9.13 10.50
CA GLU A 25 -14.47 -10.20 11.23
C GLU A 25 -15.29 -11.50 11.23
N GLU A 26 -16.61 -11.41 11.33
CA GLU A 26 -17.40 -12.63 11.39
C GLU A 26 -17.18 -13.48 10.14
N LYS A 27 -17.30 -12.86 8.97
CA LYS A 27 -17.14 -13.60 7.71
C LYS A 27 -15.71 -14.00 7.51
N LEU A 28 -14.76 -13.12 7.86
CA LEU A 28 -13.35 -13.47 7.77
C LEU A 28 -13.05 -14.76 8.52
N LYS A 29 -13.58 -14.92 9.75
CA LYS A 29 -13.29 -16.15 10.48
C LYS A 29 -14.01 -17.34 9.87
N GLU A 30 -15.21 -17.14 9.35
CA GLU A 30 -15.93 -18.22 8.68
C GLU A 30 -15.13 -18.78 7.51
N ILE A 31 -14.48 -17.90 6.76
CA ILE A 31 -13.72 -18.34 5.59
C ILE A 31 -12.46 -19.06 6.03
N LEU A 32 -11.72 -18.49 6.98
CA LEU A 32 -10.47 -19.10 7.40
C LEU A 32 -10.68 -20.45 8.07
N LYS A 33 -11.89 -20.77 8.52
CA LYS A 33 -12.14 -22.08 9.09
C LYS A 33 -12.10 -23.17 8.01
N GLU A 34 -12.29 -22.79 6.75
CA GLU A 34 -12.53 -23.73 5.65
C GLU A 34 -11.51 -23.64 4.51
N ARG A 35 -10.97 -22.48 4.20
CA ARG A 35 -10.25 -22.36 2.94
C ARG A 35 -9.39 -21.11 2.99
N GLU A 36 -8.66 -20.87 1.91
CA GLU A 36 -7.81 -19.69 1.89
C GLU A 36 -8.64 -18.47 1.54
N LEU A 37 -8.23 -17.33 2.11
CA LEU A 37 -8.89 -16.07 1.82
C LEU A 37 -8.45 -15.57 0.45
N LYS A 38 -9.38 -15.04 -0.31
CA LYS A 38 -9.09 -14.36 -1.58
C LYS A 38 -9.13 -12.86 -1.35
N ILE A 39 -8.01 -12.16 -1.59
CA ILE A 39 -7.94 -10.75 -1.26
C ILE A 39 -7.29 -9.99 -2.42
N TYR A 40 -7.65 -8.72 -2.57
CA TYR A 40 -6.83 -7.92 -3.51
C TYR A 40 -6.48 -6.58 -2.90
N TRP A 41 -5.51 -5.94 -3.54
CA TRP A 41 -5.11 -4.57 -3.26
C TRP A 41 -4.99 -3.87 -4.60
N GLY A 42 -5.52 -2.65 -4.71
CA GLY A 42 -5.43 -1.89 -5.95
C GLY A 42 -4.63 -0.63 -5.76
N THR A 43 -4.00 -0.19 -6.84
CA THR A 43 -3.33 1.11 -6.83
C THR A 43 -3.58 1.81 -8.15
N ALA A 44 -3.97 3.09 -8.09
CA ALA A 44 -4.13 3.85 -9.32
C ALA A 44 -2.75 4.18 -9.86
N THR A 45 -2.56 4.00 -11.17
CA THR A 45 -1.25 4.13 -11.81
C THR A 45 -1.00 5.59 -12.15
N THR A 46 -0.64 6.35 -11.11
CA THR A 46 -0.51 7.80 -11.20
C THR A 46 0.95 8.17 -11.02
N GLY A 47 1.32 8.71 -9.86
CA GLY A 47 2.68 9.16 -9.67
C GLY A 47 3.65 8.03 -9.38
N LYS A 48 4.95 8.35 -9.50
CA LYS A 48 5.98 7.35 -9.23
C LYS A 48 5.83 6.81 -7.81
N PRO A 49 5.71 5.49 -7.62
CA PRO A 49 5.64 4.95 -6.27
C PRO A 49 6.92 5.23 -5.50
N HIS A 50 6.78 5.58 -4.24
CA HIS A 50 7.92 5.92 -3.39
C HIS A 50 8.02 4.88 -2.27
N VAL A 51 8.95 5.10 -1.34
CA VAL A 51 9.23 4.04 -0.38
C VAL A 51 8.06 3.77 0.54
N ALA A 52 7.11 4.70 0.66
CA ALA A 52 5.92 4.43 1.45
C ALA A 52 5.15 3.22 0.94
N TYR A 53 5.29 2.86 -0.33
CA TYR A 53 4.60 1.66 -0.81
C TYR A 53 5.08 0.38 -0.14
N PHE A 54 6.22 0.40 0.57
CA PHE A 54 6.60 -0.79 1.32
C PHE A 54 5.60 -1.11 2.42
N VAL A 55 4.82 -0.14 2.87
CA VAL A 55 3.85 -0.40 3.93
C VAL A 55 2.75 -1.34 3.43
N PRO A 56 2.02 -1.05 2.32
CA PRO A 56 1.07 -2.07 1.86
C PRO A 56 1.76 -3.35 1.37
N MET A 57 2.94 -3.24 0.73
CA MET A 57 3.61 -4.45 0.29
C MET A 57 3.95 -5.36 1.45
N SER A 58 4.26 -4.80 2.64
CA SER A 58 4.52 -5.65 3.79
C SER A 58 3.26 -6.41 4.22
N LYS A 59 2.06 -5.81 4.08
CA LYS A 59 0.86 -6.59 4.39
C LYS A 59 0.61 -7.64 3.31
N ILE A 60 0.88 -7.33 2.04
CA ILE A 60 0.77 -8.36 1.00
C ILE A 60 1.62 -9.56 1.37
N ALA A 61 2.85 -9.31 1.81
CA ALA A 61 3.74 -10.38 2.24
C ALA A 61 3.10 -11.21 3.35
N ASP A 62 2.48 -10.56 4.34
CA ASP A 62 1.78 -11.27 5.41
C ASP A 62 0.67 -12.15 4.84
N PHE A 63 -0.13 -11.59 3.91
CA PHE A 63 -1.24 -12.35 3.32
C PHE A 63 -0.74 -13.61 2.65
N LEU A 64 0.35 -13.51 1.89
CA LEU A 64 0.90 -14.71 1.27
C LEU A 64 1.42 -15.68 2.33
N LYS A 65 2.07 -15.18 3.38
CA LYS A 65 2.51 -16.04 4.48
C LYS A 65 1.34 -16.79 5.10
N ALA A 66 0.17 -16.17 5.14
CA ALA A 66 -1.02 -16.84 5.67
C ALA A 66 -1.69 -17.76 4.66
N GLY A 67 -1.15 -17.88 3.45
CA GLY A 67 -1.75 -18.73 2.44
C GLY A 67 -2.82 -18.10 1.56
N CYS A 68 -3.07 -16.79 1.68
CA CYS A 68 -4.12 -16.16 0.89
C CYS A 68 -3.80 -16.17 -0.60
N GLU A 69 -4.87 -16.17 -1.42
CA GLU A 69 -4.80 -15.93 -2.86
C GLU A 69 -4.87 -14.43 -3.05
N VAL A 70 -3.79 -13.82 -3.56
CA VAL A 70 -3.72 -12.36 -3.57
C VAL A 70 -3.69 -11.88 -5.02
N THR A 71 -4.48 -10.86 -5.31
CA THR A 71 -4.49 -10.18 -6.61
C THR A 71 -4.00 -8.76 -6.40
N ILE A 72 -3.12 -8.29 -7.27
CA ILE A 72 -2.75 -6.89 -7.28
C ILE A 72 -3.36 -6.25 -8.53
N LEU A 73 -4.21 -5.23 -8.35
CA LEU A 73 -4.87 -4.52 -9.44
C LEU A 73 -4.11 -3.26 -9.77
N PHE A 74 -3.69 -3.11 -11.04
CA PHE A 74 -3.14 -1.84 -11.51
C PHE A 74 -4.31 -1.10 -12.13
N ALA A 75 -4.87 -0.15 -11.36
CA ALA A 75 -6.12 0.50 -11.71
C ALA A 75 -5.79 1.67 -12.64
N ASP A 76 -5.62 1.33 -13.93
CA ASP A 76 -5.25 2.36 -14.90
C ASP A 76 -6.43 3.24 -15.27
N LEU A 77 -7.63 2.67 -15.44
CA LEU A 77 -8.80 3.51 -15.72
C LEU A 77 -9.10 4.45 -14.55
N HIS A 78 -8.91 3.96 -13.32
CA HIS A 78 -9.08 4.83 -12.15
C HIS A 78 -8.12 6.00 -12.18
N ALA A 79 -6.86 5.78 -12.58
CA ALA A 79 -5.92 6.91 -12.66
C ALA A 79 -6.44 7.95 -13.63
N TYR A 80 -7.09 7.51 -14.71
CA TYR A 80 -7.63 8.44 -15.68
C TYR A 80 -8.85 9.17 -15.13
N LEU A 81 -9.72 8.44 -14.43
CA LEU A 81 -10.94 9.00 -13.86
C LEU A 81 -10.66 9.99 -12.73
N ASP A 82 -9.49 9.93 -12.12
CA ASP A 82 -9.19 10.78 -10.97
C ASP A 82 -8.49 12.02 -11.49
N ASN A 83 -9.28 12.86 -12.17
CA ASN A 83 -8.83 14.17 -12.61
C ASN A 83 -7.62 14.05 -13.53
N MET A 84 -7.59 12.95 -14.29
CA MET A 84 -6.54 12.69 -15.28
C MET A 84 -5.16 12.77 -14.65
N LYS A 85 -5.06 12.26 -13.43
CA LYS A 85 -3.76 12.14 -12.75
C LYS A 85 -2.76 11.38 -13.61
N ALA A 86 -3.23 10.54 -14.52
CA ALA A 86 -2.41 9.97 -15.57
C ALA A 86 -3.19 10.15 -16.87
N PRO A 87 -2.69 10.96 -17.81
CA PRO A 87 -3.41 11.14 -19.09
C PRO A 87 -3.47 9.84 -19.88
N TRP A 88 -4.41 9.78 -20.83
CA TRP A 88 -4.73 8.48 -21.43
C TRP A 88 -3.57 7.92 -22.24
N GLU A 89 -2.77 8.77 -22.87
CA GLU A 89 -1.67 8.29 -23.69
C GLU A 89 -0.57 7.62 -22.86
N LEU A 90 -0.33 8.13 -21.65
CA LEU A 90 0.75 7.63 -20.80
C LEU A 90 0.35 6.44 -19.95
N LEU A 91 -0.93 6.06 -19.96
CA LEU A 91 -1.43 5.07 -19.01
C LEU A 91 -0.67 3.76 -19.14
N GLU A 92 -0.52 3.25 -20.36
CA GLU A 92 0.06 1.91 -20.47
C GLU A 92 1.53 1.91 -20.11
N LEU A 93 2.23 3.02 -20.36
CA LEU A 93 3.59 3.20 -19.84
C LEU A 93 3.60 3.23 -18.31
N ARG A 94 2.62 3.91 -17.71
CA ARG A 94 2.53 3.97 -16.26
C ARG A 94 2.27 2.59 -15.69
N VAL A 95 1.41 1.80 -16.35
CA VAL A 95 1.14 0.46 -15.87
C VAL A 95 2.42 -0.36 -15.89
N SER A 96 3.21 -0.22 -16.97
CA SER A 96 4.44 -1.00 -17.05
C SER A 96 5.43 -0.59 -15.97
N TYR A 97 5.57 0.72 -15.74
CA TYR A 97 6.42 1.18 -14.66
C TYR A 97 5.94 0.65 -13.30
N TYR A 98 4.63 0.73 -13.04
CA TYR A 98 4.09 0.24 -11.79
C TYR A 98 4.30 -1.26 -11.63
N GLU A 99 4.07 -2.02 -12.70
CA GLU A 99 4.22 -3.47 -12.61
C GLU A 99 5.66 -3.85 -12.31
N ASN A 100 6.62 -3.21 -12.99
CA ASN A 100 8.03 -3.53 -12.75
C ASN A 100 8.47 -3.12 -11.36
N VAL A 101 8.08 -1.94 -10.90
CA VAL A 101 8.60 -1.49 -9.62
C VAL A 101 7.91 -2.20 -8.45
N ILE A 102 6.64 -2.58 -8.59
CA ILE A 102 5.95 -3.33 -7.54
C ILE A 102 6.48 -4.76 -7.46
N LYS A 103 6.71 -5.40 -8.61
CA LYS A 103 7.31 -6.73 -8.58
C LYS A 103 8.71 -6.67 -7.97
N ALA A 104 9.48 -5.63 -8.29
CA ALA A 104 10.81 -5.49 -7.71
C ALA A 104 10.74 -5.34 -6.19
N MET A 105 9.79 -4.54 -5.68
CA MET A 105 9.65 -4.41 -4.24
C MET A 105 9.33 -5.74 -3.60
N LEU A 106 8.43 -6.51 -4.21
CA LEU A 106 8.05 -7.78 -3.62
C LEU A 106 9.21 -8.75 -3.64
N GLU A 107 9.95 -8.80 -4.75
CA GLU A 107 11.14 -9.65 -4.81
C GLU A 107 12.17 -9.24 -3.76
N SER A 108 12.29 -7.93 -3.54
CA SER A 108 13.27 -7.46 -2.57
C SER A 108 12.93 -7.91 -1.16
N ILE A 109 11.65 -7.94 -0.80
CA ILE A 109 11.27 -8.34 0.56
C ILE A 109 10.97 -9.84 0.60
N GLY A 110 11.30 -10.55 -0.47
CA GLY A 110 11.22 -11.99 -0.47
C GLY A 110 9.84 -12.56 -0.61
N VAL A 111 8.94 -11.87 -1.31
CA VAL A 111 7.59 -12.35 -1.54
C VAL A 111 7.60 -13.19 -2.82
N PRO A 112 7.24 -14.48 -2.77
CA PRO A 112 7.16 -15.28 -4.00
C PRO A 112 6.10 -14.78 -4.97
N LEU A 113 6.55 -14.33 -6.15
CA LEU A 113 5.67 -13.71 -7.14
C LEU A 113 4.77 -14.71 -7.84
N GLU A 114 5.12 -16.00 -7.82
CA GLU A 114 4.43 -16.97 -8.64
C GLU A 114 3.03 -17.29 -8.12
N LYS A 115 2.71 -16.94 -6.87
CA LYS A 115 1.38 -17.15 -6.31
C LYS A 115 0.55 -15.87 -6.23
N LEU A 116 1.06 -14.78 -6.76
CA LEU A 116 0.34 -13.52 -6.88
C LEU A 116 -0.28 -13.43 -8.26
N LYS A 117 -1.43 -12.78 -8.36
CA LYS A 117 -2.04 -12.50 -9.66
C LYS A 117 -1.96 -11.00 -9.90
N PHE A 118 -1.46 -10.60 -11.06
CA PHE A 118 -1.39 -9.19 -11.44
C PHE A 118 -2.40 -8.94 -12.56
N ILE A 119 -3.20 -7.89 -12.43
CA ILE A 119 -4.20 -7.60 -13.45
C ILE A 119 -4.28 -6.08 -13.59
N LYS A 120 -4.56 -5.62 -14.81
CA LYS A 120 -4.77 -4.20 -14.99
C LYS A 120 -6.26 -3.96 -15.22
N GLY A 121 -6.75 -2.83 -14.69
CA GLY A 121 -8.18 -2.54 -14.77
C GLY A 121 -8.76 -2.70 -16.17
N THR A 122 -8.11 -2.13 -17.18
CA THR A 122 -8.70 -2.15 -18.51
C THR A 122 -8.72 -3.53 -19.16
N ASP A 123 -8.14 -4.57 -18.53
CA ASP A 123 -8.34 -5.96 -18.93
C ASP A 123 -9.80 -6.40 -18.85
N TYR A 124 -10.56 -5.83 -17.92
CA TYR A 124 -11.97 -6.24 -17.79
C TYR A 124 -12.93 -5.07 -17.59
N GLN A 125 -12.46 -3.86 -17.26
CA GLN A 125 -13.39 -2.79 -16.89
C GLN A 125 -14.06 -2.15 -18.10
N LEU A 126 -13.71 -2.57 -19.31
CA LEU A 126 -14.40 -2.13 -20.52
C LEU A 126 -15.26 -3.24 -21.12
N SER A 127 -15.38 -4.36 -20.42
CA SER A 127 -16.19 -5.47 -20.92
C SER A 127 -17.68 -5.14 -20.83
N LYS A 128 -18.46 -5.84 -21.65
CA LYS A 128 -19.91 -5.61 -21.69
C LYS A 128 -20.58 -5.93 -20.36
N GLU A 129 -20.22 -7.05 -19.70
CA GLU A 129 -20.93 -7.34 -18.47
C GLU A 129 -20.56 -6.35 -17.37
N TYR A 130 -19.29 -5.96 -17.30
CA TYR A 130 -18.90 -4.95 -16.30
C TYR A 130 -19.60 -3.63 -16.56
N THR A 131 -19.63 -3.19 -17.81
CA THR A 131 -20.27 -1.91 -18.14
C THR A 131 -21.75 -1.94 -17.80
N LEU A 132 -22.42 -3.06 -18.06
CA LEU A 132 -23.82 -3.17 -17.68
C LEU A 132 -24.01 -3.00 -16.18
N ASP A 133 -23.08 -3.55 -15.38
CA ASP A 133 -23.16 -3.37 -13.93
C ASP A 133 -22.87 -1.95 -13.50
N VAL A 134 -21.99 -1.24 -14.23
CA VAL A 134 -21.78 0.18 -13.94
C VAL A 134 -23.09 0.94 -14.08
N TYR A 135 -23.83 0.67 -15.15
CA TYR A 135 -25.12 1.31 -15.35
C TYR A 135 -26.16 0.84 -14.33
N ARG A 136 -26.17 -0.45 -13.99
CA ARG A 136 -27.07 -0.89 -12.93
C ARG A 136 -26.75 -0.22 -11.61
N LEU A 137 -25.46 -0.10 -11.28
CA LEU A 137 -25.09 0.58 -10.06
C LEU A 137 -25.50 2.05 -10.11
N SER A 138 -25.30 2.71 -11.27
CA SER A 138 -25.59 4.13 -11.37
C SER A 138 -27.07 4.42 -11.14
N SER A 139 -27.93 3.44 -11.41
CA SER A 139 -29.36 3.61 -11.20
C SER A 139 -29.78 3.55 -9.72
N VAL A 140 -28.89 3.13 -8.82
CA VAL A 140 -29.20 3.11 -7.39
C VAL A 140 -28.29 4.03 -6.56
N VAL A 141 -27.11 4.39 -7.02
CA VAL A 141 -26.22 5.23 -6.22
C VAL A 141 -26.60 6.69 -6.45
N THR A 142 -26.78 7.45 -5.37
CA THR A 142 -27.07 8.87 -5.58
C THR A 142 -25.79 9.63 -5.92
N GLN A 143 -25.95 10.79 -6.58
CA GLN A 143 -24.78 11.65 -6.75
C GLN A 143 -24.18 12.02 -5.40
N HIS A 144 -25.04 12.26 -4.41
CA HIS A 144 -24.57 12.60 -3.07
C HIS A 144 -23.64 11.53 -2.50
N ASP A 145 -24.05 10.26 -2.58
CA ASP A 145 -23.25 9.20 -1.98
C ASP A 145 -21.95 8.95 -2.75
N SER A 146 -21.94 9.10 -4.07
CA SER A 146 -20.68 8.82 -4.77
C SER A 146 -19.67 9.95 -4.53
N LYS A 147 -20.14 11.20 -4.42
CA LYS A 147 -19.24 12.30 -4.10
C LYS A 147 -18.64 12.10 -2.71
N LYS A 148 -19.47 11.73 -1.74
CA LYS A 148 -18.94 11.61 -0.39
C LYS A 148 -18.07 10.36 -0.24
N ALA A 149 -18.35 9.30 -1.01
CA ALA A 149 -17.50 8.11 -0.92
C ALA A 149 -16.07 8.41 -1.35
N GLY A 150 -15.89 9.27 -2.35
CA GLY A 150 -14.56 9.56 -2.84
C GLY A 150 -13.86 10.76 -2.24
N ALA A 151 -14.44 11.37 -1.23
CA ALA A 151 -13.94 12.64 -0.69
C ALA A 151 -12.48 12.60 -0.26
N GLU A 152 -11.99 11.48 0.30
CA GLU A 152 -10.61 11.44 0.74
C GLU A 152 -9.66 10.82 -0.26
N VAL A 153 -10.16 10.27 -1.36
CA VAL A 153 -9.33 9.56 -2.31
C VAL A 153 -9.21 10.34 -3.63
N VAL A 154 -10.33 10.73 -4.22
CA VAL A 154 -10.28 11.43 -5.50
C VAL A 154 -9.95 12.90 -5.26
N LYS A 155 -9.15 13.48 -6.15
CA LYS A 155 -8.81 14.89 -6.00
C LYS A 155 -10.06 15.75 -6.03
N GLN A 156 -10.16 16.69 -5.06
CA GLN A 156 -11.33 17.53 -4.91
C GLN A 156 -11.05 18.85 -5.60
N VAL A 157 -11.69 19.07 -6.75
CA VAL A 157 -11.47 20.26 -7.55
C VAL A 157 -12.68 21.19 -7.42
N GLU A 158 -12.51 22.42 -7.94
CA GLU A 158 -13.54 23.45 -7.77
C GLU A 158 -14.82 23.08 -8.49
N HIS A 159 -14.73 22.50 -9.69
CA HIS A 159 -15.91 22.06 -10.45
C HIS A 159 -15.77 20.56 -10.68
N PRO A 160 -16.29 19.74 -9.76
CA PRO A 160 -16.09 18.29 -9.86
C PRO A 160 -16.58 17.72 -11.18
N LEU A 161 -15.80 16.76 -11.71
CA LEU A 161 -16.11 16.12 -12.98
C LEU A 161 -16.91 14.85 -12.75
N LEU A 162 -17.66 14.47 -13.78
CA LEU A 162 -18.44 13.24 -13.72
C LEU A 162 -17.55 12.03 -13.43
N SER A 163 -16.32 12.03 -13.98
CA SER A 163 -15.43 10.89 -13.74
C SER A 163 -15.21 10.62 -12.26
N GLY A 164 -15.08 11.68 -11.47
CA GLY A 164 -14.86 11.52 -10.05
C GLY A 164 -16.01 10.84 -9.34
N LEU A 165 -17.22 10.99 -9.84
CA LEU A 165 -18.36 10.29 -9.26
C LEU A 165 -18.37 8.83 -9.64
N LEU A 166 -17.92 8.52 -10.86
CA LEU A 166 -17.87 7.13 -11.29
C LEU A 166 -16.82 6.33 -10.51
N TYR A 167 -15.73 6.96 -10.09
CA TYR A 167 -14.57 6.28 -9.50
C TYR A 167 -14.92 5.30 -8.37
N PRO A 168 -15.62 5.72 -7.30
CA PRO A 168 -15.88 4.74 -6.23
C PRO A 168 -16.77 3.60 -6.67
N GLY A 169 -17.72 3.86 -7.56
CA GLY A 169 -18.58 2.78 -8.04
C GLY A 169 -17.80 1.67 -8.73
N LEU A 170 -16.83 2.05 -9.58
CA LEU A 170 -16.01 1.04 -10.24
C LEU A 170 -15.13 0.29 -9.23
N GLN A 171 -14.61 0.99 -8.22
CA GLN A 171 -13.81 0.30 -7.23
C GLN A 171 -14.65 -0.74 -6.47
N ALA A 172 -15.92 -0.41 -6.20
CA ALA A 172 -16.80 -1.41 -5.58
C ALA A 172 -17.01 -2.62 -6.47
N LEU A 173 -17.34 -2.37 -7.75
CA LEU A 173 -17.60 -3.46 -8.69
C LEU A 173 -16.39 -4.35 -8.88
N ASP A 174 -15.19 -3.75 -8.79
CA ASP A 174 -13.96 -4.55 -8.87
C ASP A 174 -13.96 -5.71 -7.85
N GLU A 175 -14.57 -5.54 -6.68
CA GLU A 175 -14.55 -6.66 -5.72
C GLU A 175 -15.27 -7.87 -6.29
N GLU A 176 -16.38 -7.65 -6.96
CA GLU A 176 -17.10 -8.78 -7.55
C GLU A 176 -16.36 -9.31 -8.78
N TYR A 177 -15.85 -8.44 -9.65
CA TYR A 177 -15.26 -8.96 -10.88
C TYR A 177 -13.92 -9.64 -10.63
N LEU A 178 -13.19 -9.25 -9.58
CA LEU A 178 -11.97 -9.98 -9.23
C LEU A 178 -12.25 -11.20 -8.35
N LYS A 179 -13.52 -11.41 -8.00
CA LYS A 179 -13.97 -12.63 -7.32
C LYS A 179 -13.29 -12.80 -5.97
N VAL A 180 -13.15 -11.71 -5.23
CA VAL A 180 -12.43 -11.77 -3.96
C VAL A 180 -13.41 -11.88 -2.80
N ASP A 181 -12.89 -12.27 -1.64
CA ASP A 181 -13.57 -12.22 -0.36
C ASP A 181 -13.35 -10.90 0.36
N ALA A 182 -12.26 -10.22 0.07
CA ALA A 182 -11.79 -9.11 0.89
C ALA A 182 -11.03 -8.13 0.02
N GLN A 183 -11.03 -6.87 0.42
CA GLN A 183 -10.18 -5.86 -0.18
C GLN A 183 -9.34 -5.24 0.93
N PHE A 184 -8.07 -5.00 0.63
CA PHE A 184 -7.12 -4.36 1.53
C PHE A 184 -6.75 -3.00 0.95
N GLY A 185 -6.65 -1.99 1.81
CA GLY A 185 -6.09 -0.71 1.42
C GLY A 185 -5.78 0.09 2.68
N GLY A 186 -5.30 1.32 2.49
CA GLY A 186 -5.12 2.18 3.65
C GLY A 186 -6.45 2.68 4.15
N ILE A 187 -6.45 3.24 5.36
CA ILE A 187 -7.71 3.73 5.91
C ILE A 187 -8.24 4.93 5.15
N ASP A 188 -7.44 5.58 4.28
CA ASP A 188 -8.01 6.60 3.42
C ASP A 188 -9.04 6.04 2.44
N GLN A 189 -9.09 4.71 2.29
CA GLN A 189 -10.10 4.10 1.43
C GLN A 189 -11.41 3.82 2.17
N ARG A 190 -11.49 4.14 3.47
CA ARG A 190 -12.63 3.67 4.26
C ARG A 190 -13.99 4.03 3.68
N LYS A 191 -14.15 5.26 3.19
CA LYS A 191 -15.47 5.65 2.69
C LYS A 191 -15.82 4.95 1.39
N ILE A 192 -14.82 4.54 0.62
CA ILE A 192 -15.12 3.71 -0.55
C ILE A 192 -15.47 2.30 -0.11
N PHE A 193 -14.79 1.80 0.93
CA PHE A 193 -15.07 0.45 1.44
C PHE A 193 -16.47 0.36 2.02
N THR A 194 -16.89 1.35 2.82
CA THR A 194 -18.25 1.25 3.34
C THR A 194 -19.30 1.46 2.24
N PHE A 195 -19.00 2.30 1.25
CA PHE A 195 -19.87 2.45 0.08
C PHE A 195 -20.07 1.10 -0.60
N ALA A 196 -18.99 0.32 -0.72
CA ALA A 196 -19.10 -0.98 -1.38
C ALA A 196 -19.90 -1.95 -0.53
N GLU A 197 -19.78 -1.86 0.79
CA GLU A 197 -20.57 -2.77 1.63
C GLU A 197 -22.05 -2.45 1.53
N LYS A 198 -22.37 -1.18 1.32
CA LYS A 198 -23.78 -0.78 1.20
C LYS A 198 -24.37 -1.15 -0.17
N TYR A 199 -23.64 -0.90 -1.26
CA TYR A 199 -24.24 -0.95 -2.59
C TYR A 199 -24.05 -2.26 -3.32
N LEU A 200 -22.97 -3.01 -3.09
CA LEU A 200 -22.86 -4.31 -3.75
C LEU A 200 -24.07 -5.18 -3.49
N PRO A 201 -24.61 -5.28 -2.26
CA PRO A 201 -25.85 -6.07 -2.08
C PRO A 201 -27.04 -5.54 -2.88
N ALA A 202 -27.10 -4.25 -3.19
CA ALA A 202 -28.18 -3.77 -4.05
C ALA A 202 -28.12 -4.37 -5.45
N LEU A 203 -26.95 -4.88 -5.85
CA LEU A 203 -26.79 -5.51 -7.14
C LEU A 203 -26.84 -7.03 -7.05
N GLY A 204 -27.18 -7.58 -5.88
CA GLY A 204 -27.17 -9.01 -5.70
C GLY A 204 -25.82 -9.61 -5.43
N TYR A 205 -24.83 -8.79 -5.11
CA TYR A 205 -23.46 -9.23 -4.84
C TYR A 205 -23.17 -9.16 -3.35
N SER A 206 -22.35 -10.09 -2.86
CA SER A 206 -22.06 -10.11 -1.42
C SER A 206 -21.19 -8.91 -0.99
N LYS A 207 -21.42 -8.45 0.23
CA LYS A 207 -20.47 -7.54 0.86
C LYS A 207 -19.14 -8.26 1.10
N ARG A 208 -18.05 -7.53 0.98
CA ARG A 208 -16.71 -8.04 1.21
C ARG A 208 -16.17 -7.62 2.58
N VAL A 209 -15.24 -8.43 3.10
CA VAL A 209 -14.39 -8.05 4.23
C VAL A 209 -13.50 -6.90 3.78
N HIS A 210 -13.28 -5.92 4.68
CA HIS A 210 -12.36 -4.84 4.34
C HIS A 210 -11.28 -4.69 5.40
N LEU A 211 -10.02 -4.70 4.94
CA LEU A 211 -8.86 -4.63 5.81
C LEU A 211 -8.16 -3.30 5.58
N MET A 212 -7.88 -2.55 6.65
CA MET A 212 -7.37 -1.18 6.47
C MET A 212 -6.11 -0.95 7.29
N ASN A 213 -5.03 -0.59 6.59
N ASN A 213 -5.00 -0.58 6.59
CA ASN A 213 -3.82 -0.13 7.25
CA ASN A 213 -3.77 -0.20 7.27
C ASN A 213 -4.01 1.27 7.82
C ASN A 213 -3.78 1.29 7.63
N PRO A 214 -3.14 1.69 8.72
CA PRO A 214 -3.08 3.11 9.07
C PRO A 214 -2.36 3.87 7.96
N MET A 215 -2.69 5.16 7.85
CA MET A 215 -1.95 6.03 6.94
C MET A 215 -0.67 6.40 7.67
N VAL A 216 0.45 5.86 7.19
CA VAL A 216 1.74 5.97 7.86
C VAL A 216 2.44 7.26 7.41
N PRO A 217 2.95 8.07 8.34
CA PRO A 217 3.69 9.27 7.92
C PRO A 217 4.94 8.88 7.15
N GLY A 218 5.31 9.73 6.21
CA GLY A 218 6.44 9.42 5.37
C GLY A 218 7.76 9.58 6.09
N LEU A 219 8.81 9.00 5.48
CA LEU A 219 10.18 9.19 5.93
C LEU A 219 10.71 10.57 5.56
N THR A 220 9.86 11.59 5.55
CA THR A 220 10.32 12.95 5.28
C THR A 220 9.51 13.98 6.07
N GLY A 221 8.83 14.87 5.35
CA GLY A 221 8.14 16.01 5.94
C GLY A 221 7.05 15.65 6.92
N SER A 222 7.43 15.38 8.17
CA SER A 222 6.50 15.22 9.28
C SER A 222 5.50 14.08 9.05
N LYS A 223 4.27 14.43 8.67
CA LYS A 223 3.24 13.43 8.34
C LYS A 223 3.03 13.36 6.82
N GLU A 229 3.01 14.71 1.43
CA GLU A 229 2.99 15.50 0.20
C GLU A 229 4.13 15.10 -0.73
N GLU A 230 5.25 15.82 -0.65
CA GLU A 230 6.39 15.57 -1.53
C GLU A 230 7.66 15.49 -0.69
N SER A 231 8.81 15.69 -1.36
CA SER A 231 10.15 15.44 -0.83
C SER A 231 10.39 13.98 -0.45
N LYS A 232 9.50 13.08 -0.88
CA LYS A 232 9.55 11.66 -0.53
C LYS A 232 10.80 11.00 -1.13
N ILE A 233 11.07 9.78 -0.68
CA ILE A 233 12.19 8.98 -1.20
C ILE A 233 11.67 8.09 -2.32
N ASP A 234 12.19 8.29 -3.53
CA ASP A 234 11.79 7.46 -4.66
C ASP A 234 12.49 6.10 -4.58
N LEU A 235 11.79 5.06 -5.07
CA LEU A 235 12.34 3.71 -5.03
C LEU A 235 13.66 3.60 -5.78
N LEU A 236 13.94 4.52 -6.69
CA LEU A 236 15.16 4.51 -7.49
C LEU A 236 16.19 5.53 -7.04
N ASP A 237 15.95 6.23 -5.92
CA ASP A 237 16.94 7.18 -5.42
C ASP A 237 18.26 6.47 -5.11
N ARG A 238 19.37 7.12 -5.48
CA ARG A 238 20.69 6.61 -5.15
C ARG A 238 20.96 6.76 -3.66
N LYS A 239 21.95 5.99 -3.17
CA LYS A 239 22.25 5.97 -1.74
C LYS A 239 22.45 7.38 -1.19
N GLU A 240 23.14 8.23 -1.93
CA GLU A 240 23.46 9.58 -1.46
C GLU A 240 22.19 10.41 -1.27
N ASP A 241 21.21 10.24 -2.17
CA ASP A 241 19.95 10.95 -2.01
C ASP A 241 19.11 10.38 -0.87
N VAL A 242 19.16 9.05 -0.66
CA VAL A 242 18.50 8.47 0.52
C VAL A 242 19.08 9.08 1.79
N LYS A 243 20.42 9.16 1.86
CA LYS A 243 21.08 9.71 3.04
C LYS A 243 20.65 11.15 3.30
N LYS A 244 20.65 11.98 2.24
CA LYS A 244 20.30 13.39 2.39
C LYS A 244 18.85 13.56 2.85
N LYS A 245 17.92 12.83 2.25
CA LYS A 245 16.53 12.98 2.64
C LYS A 245 16.30 12.49 4.06
N LEU A 246 17.01 11.45 4.47
CA LEU A 246 16.82 10.94 5.83
C LEU A 246 17.28 11.95 6.88
N LYS A 247 18.31 12.74 6.58
CA LYS A 247 18.77 13.72 7.56
C LYS A 247 17.67 14.72 7.92
N LYS A 248 16.85 15.11 6.95
CA LYS A 248 15.83 16.13 7.17
C LYS A 248 14.51 15.57 7.68
N ALA A 249 14.42 14.27 7.96
CA ALA A 249 13.17 13.70 8.40
C ALA A 249 12.78 14.21 9.79
N PHE A 250 11.48 14.35 10.03
CA PHE A 250 10.99 14.72 11.36
C PHE A 250 11.26 13.56 12.32
N CYS A 251 12.14 13.78 13.28
CA CYS A 251 12.51 12.72 14.23
C CYS A 251 13.04 13.36 15.50
N GLU A 252 12.14 13.88 16.35
CA GLU A 252 12.54 14.60 17.55
C GLU A 252 12.88 13.61 18.68
N PRO A 253 13.94 13.89 19.45
CA PRO A 253 14.32 12.97 20.54
C PRO A 253 13.18 12.74 21.53
N GLY A 254 12.99 11.48 21.90
CA GLY A 254 11.93 11.10 22.82
C GLY A 254 10.51 11.16 22.27
N ASN A 255 10.32 11.66 21.05
CA ASN A 255 8.99 11.88 20.47
C ASN A 255 8.62 10.68 19.60
N VAL A 256 7.75 9.82 20.11
CA VAL A 256 7.39 8.62 19.37
C VAL A 256 6.16 8.80 18.49
N GLU A 257 5.62 10.02 18.39
CA GLU A 257 4.44 10.28 17.53
C GLU A 257 4.80 11.02 16.25
N ASN A 258 4.03 10.75 15.19
CA ASN A 258 4.22 11.40 13.90
C ASN A 258 5.68 11.26 13.42
N ASN A 259 6.30 10.14 13.80
CA ASN A 259 7.72 9.85 13.56
C ASN A 259 7.77 8.87 12.39
N GLY A 260 8.07 9.38 11.20
CA GLY A 260 8.06 8.55 10.01
C GLY A 260 9.15 7.50 10.07
N VAL A 261 10.25 7.79 10.76
CA VAL A 261 11.32 6.80 10.87
C VAL A 261 10.86 5.62 11.71
N LEU A 262 10.25 5.90 12.87
CA LEU A 262 9.72 4.83 13.71
C LEU A 262 8.59 4.08 13.00
N SER A 263 7.74 4.80 12.26
CA SER A 263 6.63 4.15 11.58
C SER A 263 7.12 3.18 10.52
N PHE A 264 8.17 3.57 9.78
CA PHE A 264 8.74 2.65 8.81
C PHE A 264 9.28 1.38 9.49
N ILE A 265 9.92 1.52 10.64
CA ILE A 265 10.37 0.35 11.37
C ILE A 265 9.19 -0.52 11.76
N LYS A 266 8.15 0.10 12.32
CA LYS A 266 7.00 -0.65 12.83
C LYS A 266 6.30 -1.41 11.71
N HIS A 267 6.10 -0.79 10.55
CA HIS A 267 5.23 -1.36 9.52
C HIS A 267 5.98 -2.10 8.43
N VAL A 268 7.27 -1.88 8.27
CA VAL A 268 8.05 -2.49 7.20
C VAL A 268 9.14 -3.38 7.75
N LEU A 269 10.00 -2.83 8.61
CA LEU A 269 11.20 -3.58 8.97
C LEU A 269 10.90 -4.70 9.97
N PHE A 270 10.03 -4.46 10.96
CA PHE A 270 9.67 -5.56 11.87
C PHE A 270 8.95 -6.71 11.16
N PRO A 271 7.95 -6.48 10.32
CA PRO A 271 7.35 -7.63 9.59
C PRO A 271 8.32 -8.37 8.69
N LEU A 272 9.26 -7.66 8.08
CA LEU A 272 10.21 -8.30 7.17
C LEU A 272 11.14 -9.23 7.92
N LYS A 273 11.72 -8.77 9.03
CA LYS A 273 12.80 -9.47 9.71
C LYS A 273 12.42 -10.08 11.04
N SER A 274 11.30 -9.68 11.64
CA SER A 274 10.81 -10.10 12.95
C SER A 274 11.65 -9.51 14.08
N GLU A 275 12.65 -8.71 13.75
CA GLU A 275 13.52 -8.08 14.73
C GLU A 275 13.97 -6.77 14.13
N PHE A 276 14.55 -5.91 14.96
CA PHE A 276 15.18 -4.71 14.43
C PHE A 276 16.42 -4.43 15.27
N VAL A 277 17.54 -4.20 14.60
CA VAL A 277 18.80 -3.92 15.29
C VAL A 277 19.04 -2.42 15.24
N ILE A 278 19.19 -1.79 16.41
CA ILE A 278 19.65 -0.41 16.47
C ILE A 278 21.17 -0.44 16.48
N LEU A 279 21.77 0.31 15.58
CA LEU A 279 23.23 0.50 15.54
C LEU A 279 23.58 1.63 16.49
N ARG A 280 24.42 1.34 17.47
CA ARG A 280 24.73 2.31 18.51
C ARG A 280 26.17 2.10 18.96
N ASP A 281 26.88 3.19 19.27
CA ASP A 281 28.27 3.10 19.68
C ASP A 281 28.38 2.40 21.04
N GLU A 282 29.49 1.70 21.23
CA GLU A 282 29.76 1.02 22.50
C GLU A 282 29.62 1.96 23.69
N LYS A 283 29.94 3.24 23.49
CA LYS A 283 29.87 4.22 24.58
C LYS A 283 28.45 4.34 25.12
N TRP A 284 27.44 4.13 24.29
CA TRP A 284 26.05 4.28 24.71
C TRP A 284 25.36 2.93 24.83
N GLY A 285 26.12 1.84 24.93
CA GLY A 285 25.56 0.52 25.14
C GLY A 285 25.75 -0.44 24.00
N GLY A 286 26.24 0.03 22.84
CA GLY A 286 26.40 -0.83 21.67
C GLY A 286 25.07 -1.23 21.06
N ASN A 287 25.15 -2.06 20.00
CA ASN A 287 23.93 -2.43 19.29
C ASN A 287 22.97 -3.14 20.24
N LYS A 288 21.70 -3.07 19.89
CA LYS A 288 20.67 -3.77 20.63
C LYS A 288 19.65 -4.32 19.66
N THR A 289 19.23 -5.57 19.86
CA THR A 289 18.22 -6.18 18.98
C THR A 289 16.88 -6.16 19.69
N TYR A 290 15.85 -5.61 19.04
CA TYR A 290 14.50 -5.60 19.56
C TYR A 290 13.69 -6.69 18.89
N THR A 291 12.94 -7.46 19.68
CA THR A 291 12.02 -8.46 19.15
C THR A 291 10.60 -7.94 19.04
N ALA A 292 10.30 -6.77 19.59
CA ALA A 292 8.97 -6.18 19.51
C ALA A 292 9.09 -4.67 19.36
N TYR A 293 8.21 -4.09 18.54
CA TYR A 293 8.23 -2.65 18.32
C TYR A 293 8.04 -1.89 19.63
N VAL A 294 7.18 -2.38 20.52
CA VAL A 294 6.92 -1.64 21.76
C VAL A 294 8.21 -1.48 22.58
N ASP A 295 9.14 -2.43 22.49
CA ASP A 295 10.38 -2.28 23.25
C ASP A 295 11.27 -1.17 22.68
N LEU A 296 11.37 -1.10 21.34
CA LEU A 296 12.09 0.00 20.70
C LEU A 296 11.46 1.35 21.02
N GLU A 297 10.14 1.41 20.95
CA GLU A 297 9.44 2.66 21.25
C GLU A 297 9.75 3.15 22.65
N LYS A 298 9.74 2.22 23.63
CA LYS A 298 10.04 2.59 25.00
C LYS A 298 11.45 3.15 25.13
N ASP A 299 12.44 2.54 24.46
CA ASP A 299 13.80 3.05 24.52
C ASP A 299 13.92 4.41 23.83
N PHE A 300 13.19 4.62 22.72
CA PHE A 300 13.25 5.90 22.05
C PHE A 300 12.61 6.98 22.92
N ALA A 301 11.48 6.66 23.55
CA ALA A 301 10.86 7.60 24.48
C ALA A 301 11.78 7.92 25.65
N ALA A 302 12.55 6.94 26.13
CA ALA A 302 13.51 7.16 27.21
C ALA A 302 14.76 7.89 26.73
N GLU A 303 14.91 8.10 25.42
CA GLU A 303 16.04 8.82 24.82
C GLU A 303 17.35 8.07 25.02
N VAL A 304 17.29 6.75 24.99
CA VAL A 304 18.51 5.93 24.94
C VAL A 304 18.70 5.32 23.56
N VAL A 305 17.79 5.60 22.64
CA VAL A 305 18.01 5.47 21.20
C VAL A 305 17.95 6.87 20.61
N HIS A 306 19.09 7.37 20.11
CA HIS A 306 19.15 8.73 19.58
C HIS A 306 18.60 8.80 18.16
N PRO A 307 18.03 9.95 17.77
CA PRO A 307 17.51 10.07 16.39
C PRO A 307 18.54 9.73 15.32
N GLY A 308 19.77 10.22 15.46
CA GLY A 308 20.81 9.90 14.49
C GLY A 308 21.07 8.41 14.37
N ASP A 309 21.06 7.69 15.50
CA ASP A 309 21.30 6.25 15.44
C ASP A 309 20.10 5.53 14.84
N LEU A 310 18.88 5.99 15.16
CA LEU A 310 17.70 5.44 14.51
C LEU A 310 17.76 5.64 12.99
N LYS A 311 18.07 6.86 12.54
CA LYS A 311 18.16 7.13 11.10
C LYS A 311 19.25 6.29 10.43
N ASN A 312 20.43 6.19 11.07
CA ASN A 312 21.48 5.35 10.51
CA ASN A 312 21.51 5.34 10.57
C ASN A 312 21.03 3.90 10.40
N SER A 313 20.32 3.39 11.39
CA SER A 313 19.85 2.01 11.35
C SER A 313 18.81 1.79 10.27
N VAL A 314 17.92 2.76 10.07
CA VAL A 314 16.96 2.66 8.98
C VAL A 314 17.64 2.82 7.63
N GLU A 315 18.61 3.73 7.53
CA GLU A 315 19.30 3.91 6.25
C GLU A 315 19.91 2.60 5.77
N VAL A 316 20.58 1.86 6.66
CA VAL A 316 21.23 0.63 6.25
C VAL A 316 20.19 -0.36 5.72
N ALA A 317 19.08 -0.50 6.45
CA ALA A 317 18.06 -1.47 6.07
C ALA A 317 17.34 -1.05 4.81
N LEU A 318 17.07 0.26 4.66
CA LEU A 318 16.37 0.73 3.48
C LEU A 318 17.21 0.57 2.23
N ASN A 319 18.51 0.87 2.30
CA ASN A 319 19.35 0.67 1.13
C ASN A 319 19.43 -0.81 0.75
N LYS A 320 19.39 -1.71 1.73
CA LYS A 320 19.29 -3.13 1.41
C LYS A 320 18.00 -3.44 0.65
N LEU A 321 16.86 -2.87 1.06
CA LEU A 321 15.63 -3.07 0.30
C LEU A 321 15.69 -2.44 -1.08
N LEU A 322 16.37 -1.29 -1.22
CA LEU A 322 16.34 -0.62 -2.51
C LEU A 322 17.38 -1.18 -3.47
N ASP A 323 18.47 -1.74 -2.96
CA ASP A 323 19.57 -2.17 -3.83
C ASP A 323 19.13 -3.07 -4.97
N PRO A 324 18.36 -4.15 -4.75
CA PRO A 324 17.97 -4.98 -5.89
C PRO A 324 17.05 -4.26 -6.86
N ILE A 325 16.25 -3.31 -6.37
CA ILE A 325 15.38 -2.53 -7.25
C ILE A 325 16.20 -1.63 -8.15
N ARG A 326 17.14 -0.90 -7.56
CA ARG A 326 18.02 -0.05 -8.34
C ARG A 326 18.80 -0.86 -9.36
N GLU A 327 19.23 -2.08 -8.98
CA GLU A 327 19.93 -2.94 -9.93
C GLU A 327 19.01 -3.35 -11.08
N LYS A 328 17.79 -3.77 -10.76
CA LYS A 328 16.82 -4.16 -11.78
C LYS A 328 16.61 -3.05 -12.80
N PHE A 329 16.40 -1.82 -12.33
CA PHE A 329 16.17 -0.70 -13.23
C PHE A 329 17.45 -0.13 -13.82
N ASN A 330 18.58 -0.78 -13.58
CA ASN A 330 19.84 -0.39 -14.19
C ASN A 330 20.04 -0.99 -15.58
N THR A 331 18.95 -1.19 -16.31
CA THR A 331 18.87 -1.75 -17.65
C THR A 331 18.52 -0.65 -18.66
N PRO A 332 19.13 -0.65 -19.85
CA PRO A 332 18.75 0.36 -20.84
C PRO A 332 17.25 0.43 -21.09
N ALA A 333 16.55 -0.72 -21.09
CA ALA A 333 15.13 -0.68 -21.39
C ALA A 333 14.31 -0.14 -20.22
N LEU A 334 14.75 -0.36 -18.98
CA LEU A 334 13.99 0.16 -17.85
C LEU A 334 14.32 1.62 -17.58
N LYS A 335 15.53 2.06 -17.90
CA LYS A 335 15.82 3.50 -17.86
C LYS A 335 14.95 4.26 -18.87
N LYS A 336 14.75 3.71 -20.06
CA LYS A 336 13.91 4.38 -21.05
C LYS A 336 12.46 4.37 -20.60
N LEU A 337 12.02 3.30 -19.96
CA LEU A 337 10.65 3.23 -19.48
C LEU A 337 10.39 4.28 -18.40
N ALA A 338 11.32 4.43 -17.45
CA ALA A 338 11.13 5.40 -16.38
C ALA A 338 10.97 6.81 -16.95
N SER A 339 11.83 7.17 -17.93
CA SER A 339 11.75 8.51 -18.51
C SER A 339 10.51 8.68 -19.37
N ALA A 340 10.11 7.63 -20.09
CA ALA A 340 8.96 7.74 -20.98
C ALA A 340 7.65 7.81 -20.20
N ALA A 341 7.55 7.09 -19.09
CA ALA A 341 6.34 7.14 -18.30
C ALA A 341 6.17 8.45 -17.54
N TYR A 342 7.28 9.14 -17.25
CA TYR A 342 7.26 10.40 -16.49
C TYR A 342 8.07 11.43 -17.24
N PRO A 343 7.53 11.98 -18.32
CA PRO A 343 8.27 12.99 -19.10
C PRO A 343 8.19 14.39 -18.52
N ASP A 344 7.55 15.30 -19.26
CA ASP A 344 7.42 16.70 -18.82
C ASP A 344 6.22 17.37 -19.47
C24 66I B . -7.33 3.19 -4.77
C26 66I B . -8.01 1.45 -6.52
C27 66I B . -8.13 0.37 -5.65
C28 66I B . -9.02 -0.68 -5.89
C29 66I B . -9.81 -0.68 -7.08
C25 66I B . -7.02 2.55 -6.17
C31 66I B . -9.72 0.40 -7.97
C32 66I B . -8.83 1.46 -7.70
C10 66I B . 0.92 6.99 -0.98
C23 66I B . -6.22 4.20 -4.49
C15 66I B . -2.07 2.81 0.39
C17 66I B . -2.72 2.27 -1.75
C18 66I B . -2.21 3.42 -2.62
C02 66I B . 0.87 5.40 3.42
C04 66I B . -0.13 3.44 4.32
C06 66I B . -0.59 3.92 2.13
C07 66I B . 0.20 5.10 2.17
C08 66I B . 0.10 5.66 0.84
C36 66I B . -4.01 2.76 -1.06
C38 66I B . -3.34 3.62 0.00
F11 66I B . 1.82 6.07 -1.37
F12 66I B . 1.56 8.17 -1.09
N01 66I B . 1.67 6.53 3.57
N03 66I B . 0.66 4.56 4.46
N05 66I B . -0.79 3.07 3.18
N13 66I B . -0.71 4.89 0.07
N14 66I B . -1.08 3.81 0.83
N22 66I B . -4.98 3.71 -4.72
N33 66I B . -8.63 3.90 -4.76
O09 66I B . 0.70 6.80 0.40
O16 66I B . -1.71 2.14 -0.81
O19 66I B . -2.63 3.35 -3.83
O21 66I B . -3.00 4.87 -5.72
O30 66I B . -10.68 -1.71 -7.30
O34 66I B . -6.43 5.35 -4.14
O35 66I B . -3.72 5.65 -3.59
O37 66I B . -4.67 1.69 -0.47
O39 66I B . -4.19 3.66 1.10
S20 66I B . -3.61 4.59 -4.51
S SO4 C . 3.98 -10.05 15.59
O1 SO4 C . 3.40 -11.18 14.87
O2 SO4 C . 5.11 -9.51 14.83
O3 SO4 C . 2.97 -9.00 15.75
O4 SO4 C . 4.44 -10.52 16.90
S SO4 D . -18.18 -19.32 0.74
O1 SO4 D . -19.08 -20.46 0.96
O2 SO4 D . -16.82 -19.83 0.63
O3 SO4 D . -18.54 -18.62 -0.48
O4 SO4 D . -18.28 -18.40 1.88
S SO4 E . 28.91 11.16 21.34
O1 SO4 E . 28.02 10.19 20.69
O2 SO4 E . 30.24 10.58 21.44
O3 SO4 E . 28.95 12.41 20.57
O4 SO4 E . 28.37 11.46 22.66
S SO4 F . 22.21 12.10 17.51
O1 SO4 F . 20.76 12.08 17.38
O2 SO4 F . 22.80 10.85 16.99
O3 SO4 F . 22.71 13.25 16.76
O4 SO4 F . 22.57 12.23 18.94
S SO4 G . -16.73 -9.22 -23.45
O1 SO4 G . -17.42 -10.19 -24.29
O2 SO4 G . -15.31 -9.17 -23.79
O3 SO4 G . -17.32 -7.89 -23.63
O4 SO4 G . -16.88 -9.64 -22.06
S SO4 H . 6.46 -13.98 10.59
O1 SO4 H . 6.08 -15.00 9.63
O2 SO4 H . 7.78 -14.28 11.14
O3 SO4 H . 6.49 -12.67 9.92
O4 SO4 H . 5.49 -13.94 11.68
S SO4 I . -19.40 3.24 10.90
O1 SO4 I . -18.76 2.00 11.30
O2 SO4 I . -19.08 3.53 9.51
O3 SO4 I . -18.94 4.33 11.75
O4 SO4 I . -20.85 3.08 11.04
#